data_8I6D
#
_entry.id   8I6D
#
_cell.length_a   45.980
_cell.length_b   77.990
_cell.length_c   59.370
_cell.angle_alpha   90.00
_cell.angle_beta   102.02
_cell.angle_gamma   90.00
#
_symmetry.space_group_name_H-M   'P 1 21 1'
#
loop_
_entity.id
_entity.type
_entity.pdbx_description
1 polymer 'Uracil-DNA glycosylase'
2 non-polymer 5-oxidanyl-1~{H}-pyrimidine-2,4-dione
3 non-polymer 1,2-ETHANEDIOL
4 non-polymer DI(HYDROXYETHYL)ETHER
5 water water
#
_entity_poly.entity_id   1
_entity_poly.type   'polypeptide(L)'
_entity_poly.pdbx_seq_one_letter_code
;MHHHHHHGMASMTARPLSELVERGWAAALEPVADQVAHMGQFLRAEIAAGRRYLPAGSNVLRAFTFPFDNVRVLIVGQDP
YPTPGHAVGLSFSVAPDVRPWPRSLANIFDEYTADLGYPLPSNGDLTPWAQRGVLLLNRVLTVRPSNPASHRGKGWEAVT
ECAIRALAARAAPLVAILWGRDASTLKPMLAAGNCVAIESPHPSPLSASRGFFGSRPFSRANELLVGMGAEPIDWRLP
;
_entity_poly.pdbx_strand_id   A,B
#
# COMPACT_ATOMS: atom_id res chain seq x y z
N LEU A 17 -19.14 -1.21 -0.57
CA LEU A 17 -18.04 -0.57 -1.36
C LEU A 17 -17.32 0.49 -0.49
N SER A 18 -18.03 1.10 0.45
CA SER A 18 -17.57 2.27 1.25
C SER A 18 -16.15 2.06 1.81
N GLU A 19 -15.72 0.81 2.00
CA GLU A 19 -14.42 0.45 2.62
C GLU A 19 -13.38 0.07 1.56
N LEU A 20 -13.80 -0.18 0.31
CA LEU A 20 -12.95 -0.66 -0.81
C LEU A 20 -12.47 0.51 -1.68
N VAL A 21 -13.24 1.61 -1.70
CA VAL A 21 -13.08 2.73 -2.67
C VAL A 21 -13.34 4.06 -1.96
N GLU A 22 -12.82 5.16 -2.51
CA GLU A 22 -13.03 6.54 -1.98
C GLU A 22 -14.54 6.88 -1.97
N ARG A 23 -14.96 7.75 -1.04
CA ARG A 23 -16.37 8.09 -0.72
C ARG A 23 -17.16 8.34 -2.00
N GLY A 24 -16.76 9.32 -2.82
CA GLY A 24 -17.42 9.64 -4.10
C GLY A 24 -17.68 8.40 -4.94
N TRP A 25 -16.65 7.57 -5.16
CA TRP A 25 -16.69 6.38 -6.04
C TRP A 25 -17.64 5.32 -5.48
N ALA A 26 -17.77 5.22 -4.16
CA ALA A 26 -18.68 4.29 -3.49
C ALA A 26 -20.14 4.65 -3.85
N ALA A 27 -20.52 5.92 -3.78
CA ALA A 27 -21.88 6.40 -4.14
C ALA A 27 -22.11 6.19 -5.64
N ALA A 28 -21.19 6.64 -6.49
CA ALA A 28 -21.25 6.46 -7.96
C ALA A 28 -21.40 4.97 -8.32
N LEU A 29 -20.80 4.04 -7.57
CA LEU A 29 -20.75 2.61 -7.98
C LEU A 29 -21.82 1.79 -7.23
N GLU A 30 -22.54 2.40 -6.29
CA GLU A 30 -23.68 1.78 -5.56
C GLU A 30 -24.50 0.89 -6.50
N PRO A 31 -24.91 1.36 -7.69
CA PRO A 31 -25.77 0.56 -8.55
C PRO A 31 -25.22 -0.83 -8.88
N VAL A 32 -23.90 -1.00 -8.84
CA VAL A 32 -23.21 -2.25 -9.28
C VAL A 32 -22.54 -2.90 -8.07
N ALA A 33 -22.98 -2.55 -6.85
CA ALA A 33 -22.50 -3.16 -5.59
C ALA A 33 -22.65 -4.69 -5.68
N ASP A 34 -23.82 -5.17 -6.12
CA ASP A 34 -24.14 -6.61 -6.34
C ASP A 34 -23.04 -7.26 -7.18
N GLN A 35 -22.64 -6.57 -8.24
CA GLN A 35 -21.81 -7.09 -9.36
C GLN A 35 -20.34 -7.05 -8.93
N VAL A 36 -19.95 -6.03 -8.15
CA VAL A 36 -18.59 -5.94 -7.56
C VAL A 36 -18.40 -7.15 -6.64
N ALA A 37 -19.30 -7.33 -5.67
CA ALA A 37 -19.36 -8.50 -4.76
C ALA A 37 -19.29 -9.79 -5.58
N HIS A 38 -20.12 -9.90 -6.63
CA HIS A 38 -20.19 -11.08 -7.52
C HIS A 38 -18.81 -11.33 -8.13
N MET A 39 -18.13 -10.29 -8.62
CA MET A 39 -16.76 -10.44 -9.19
C MET A 39 -15.79 -10.83 -8.05
N GLY A 40 -16.11 -10.48 -6.81
CA GLY A 40 -15.45 -11.04 -5.62
C GLY A 40 -15.49 -12.56 -5.66
N GLN A 41 -16.69 -13.12 -5.83
N GLN A 41 -16.67 -13.15 -5.82
CA GLN A 41 -16.97 -14.58 -5.91
CA GLN A 41 -16.85 -14.63 -5.86
C GLN A 41 -16.18 -15.19 -7.08
C GLN A 41 -16.12 -15.21 -7.08
N PHE A 42 -16.00 -14.47 -8.19
CA PHE A 42 -15.25 -14.92 -9.39
C PHE A 42 -13.76 -15.09 -9.05
N LEU A 43 -13.16 -14.13 -8.34
CA LEU A 43 -11.72 -14.18 -7.97
C LEU A 43 -11.47 -15.37 -7.04
N ARG A 44 -12.33 -15.56 -6.03
CA ARG A 44 -12.29 -16.73 -5.10
C ARG A 44 -12.20 -18.03 -5.92
N ALA A 45 -13.11 -18.23 -6.90
CA ALA A 45 -13.24 -19.47 -7.71
C ALA A 45 -12.04 -19.66 -8.66
N GLU A 46 -11.41 -18.57 -9.11
CA GLU A 46 -10.17 -18.61 -9.94
C GLU A 46 -9.04 -19.16 -9.07
N ILE A 47 -8.84 -18.61 -7.87
CA ILE A 47 -7.80 -19.14 -6.94
C ILE A 47 -8.12 -20.61 -6.67
N ALA A 48 -9.39 -20.96 -6.46
CA ALA A 48 -9.82 -22.34 -6.13
C ALA A 48 -9.52 -23.28 -7.31
N ALA A 49 -9.62 -22.80 -8.54
CA ALA A 49 -9.40 -23.60 -9.77
C ALA A 49 -7.91 -23.75 -10.08
N GLY A 50 -7.01 -23.01 -9.43
CA GLY A 50 -5.56 -23.10 -9.70
C GLY A 50 -5.09 -22.10 -10.74
N ARG A 51 -5.99 -21.54 -11.55
CA ARG A 51 -5.71 -20.31 -12.34
C ARG A 51 -5.69 -19.20 -11.31
N ARG A 52 -4.88 -18.17 -11.46
CA ARG A 52 -4.92 -17.11 -10.43
C ARG A 52 -5.51 -15.86 -11.10
N TYR A 53 -5.21 -14.69 -10.57
CA TYR A 53 -5.60 -13.40 -11.17
C TYR A 53 -4.57 -12.34 -10.80
N LEU A 54 -4.32 -11.43 -11.74
CA LEU A 54 -3.67 -10.12 -11.54
C LEU A 54 -4.74 -9.04 -11.75
N PRO A 55 -4.59 -7.83 -11.16
CA PRO A 55 -3.58 -7.54 -10.16
C PRO A 55 -3.90 -8.17 -8.80
N ALA A 56 -3.16 -7.84 -7.76
CA ALA A 56 -3.52 -8.20 -6.37
C ALA A 56 -4.95 -7.72 -6.07
N GLY A 57 -5.73 -8.53 -5.35
CA GLY A 57 -7.08 -8.19 -4.84
C GLY A 57 -7.19 -6.78 -4.28
N SER A 58 -6.15 -6.33 -3.55
CA SER A 58 -6.09 -5.00 -2.87
C SER A 58 -5.86 -3.87 -3.89
N ASN A 59 -5.56 -4.20 -5.15
CA ASN A 59 -5.32 -3.21 -6.24
C ASN A 59 -6.32 -3.38 -7.40
N VAL A 60 -7.21 -4.36 -7.36
CA VAL A 60 -8.25 -4.53 -8.42
C VAL A 60 -9.00 -3.21 -8.65
N LEU A 61 -9.52 -2.59 -7.58
CA LEU A 61 -10.43 -1.41 -7.65
C LEU A 61 -9.64 -0.12 -7.43
N ARG A 62 -8.31 -0.16 -7.65
CA ARG A 62 -7.37 0.88 -7.16
C ARG A 62 -7.61 2.23 -7.86
N ALA A 63 -8.04 2.23 -9.12
CA ALA A 63 -8.43 3.41 -9.91
C ALA A 63 -9.57 4.18 -9.23
N PHE A 64 -10.31 3.53 -8.31
CA PHE A 64 -11.46 4.14 -7.61
C PHE A 64 -11.06 4.64 -6.22
N THR A 65 -9.77 4.62 -5.87
CA THR A 65 -9.28 5.03 -4.52
C THR A 65 -8.82 6.49 -4.56
N PHE A 66 -8.85 7.13 -5.73
CA PHE A 66 -8.59 8.58 -5.92
C PHE A 66 -9.92 9.29 -6.16
N PRO A 67 -10.07 10.58 -5.77
CA PRO A 67 -11.39 11.24 -5.72
C PRO A 67 -12.17 11.33 -7.05
N PHE A 68 -13.36 10.74 -7.08
CA PHE A 68 -14.34 10.80 -8.19
C PHE A 68 -14.55 12.27 -8.62
N ASP A 69 -14.68 13.21 -7.68
CA ASP A 69 -15.02 14.63 -7.99
C ASP A 69 -13.84 15.34 -8.69
N ASN A 70 -12.60 14.90 -8.45
CA ASN A 70 -11.38 15.54 -9.00
C ASN A 70 -11.02 14.98 -10.38
N VAL A 71 -11.70 13.92 -10.86
CA VAL A 71 -11.40 13.30 -12.19
C VAL A 71 -11.80 14.29 -13.29
N ARG A 72 -10.89 14.52 -14.24
CA ARG A 72 -11.12 15.44 -15.39
C ARG A 72 -10.73 14.73 -16.70
N VAL A 73 -9.85 13.72 -16.64
CA VAL A 73 -9.44 12.90 -17.82
C VAL A 73 -9.62 11.41 -17.53
N LEU A 74 -10.22 10.70 -18.48
CA LEU A 74 -10.51 9.24 -18.46
C LEU A 74 -9.66 8.60 -19.55
N ILE A 75 -8.66 7.82 -19.17
CA ILE A 75 -7.90 6.98 -20.13
C ILE A 75 -8.42 5.55 -20.01
N VAL A 76 -9.18 5.09 -21.01
CA VAL A 76 -9.74 3.72 -21.06
C VAL A 76 -8.74 2.83 -21.80
N GLY A 77 -8.17 1.89 -21.03
CA GLY A 77 -7.47 0.69 -21.51
C GLY A 77 -8.40 -0.50 -21.44
N GLN A 78 -7.98 -1.65 -21.93
CA GLN A 78 -8.88 -2.80 -22.17
C GLN A 78 -8.74 -3.82 -21.03
N ASP A 79 -7.52 -4.25 -20.71
CA ASP A 79 -7.26 -5.30 -19.69
C ASP A 79 -5.98 -5.00 -18.90
N PRO A 80 -5.87 -5.53 -17.67
CA PRO A 80 -4.61 -5.44 -16.93
C PRO A 80 -3.51 -6.20 -17.66
N TYR A 81 -2.27 -5.80 -17.40
CA TYR A 81 -1.06 -6.45 -17.96
C TYR A 81 -1.07 -7.92 -17.52
N PRO A 82 -0.75 -8.86 -18.44
CA PRO A 82 -0.74 -10.29 -18.09
C PRO A 82 0.47 -10.73 -17.23
N THR A 83 1.53 -9.93 -17.20
CA THR A 83 2.82 -10.26 -16.55
C THR A 83 2.74 -9.88 -15.08
N PRO A 84 3.02 -10.80 -14.15
CA PRO A 84 3.08 -10.46 -12.72
C PRO A 84 4.14 -9.37 -12.50
N GLY A 85 3.77 -8.34 -11.73
CA GLY A 85 4.60 -7.14 -11.52
C GLY A 85 4.12 -5.98 -12.34
N HIS A 86 3.59 -6.22 -13.54
CA HIS A 86 3.14 -5.14 -14.45
C HIS A 86 1.84 -4.55 -13.90
N ALA A 87 0.80 -5.37 -13.79
CA ALA A 87 -0.57 -4.98 -13.37
C ALA A 87 -0.55 -4.49 -11.91
N VAL A 88 -1.05 -3.27 -11.67
CA VAL A 88 -1.20 -2.68 -10.32
C VAL A 88 -2.55 -1.95 -10.18
N GLY A 89 -3.53 -2.29 -11.04
CA GLY A 89 -4.91 -1.80 -10.91
C GLY A 89 -5.10 -0.38 -11.40
N LEU A 90 -4.10 0.16 -12.10
CA LEU A 90 -4.22 1.42 -12.86
C LEU A 90 -3.86 1.08 -14.31
N SER A 91 -4.71 1.46 -15.27
CA SER A 91 -4.51 1.16 -16.71
C SER A 91 -3.16 1.73 -17.16
N PHE A 92 -2.35 0.88 -17.80
CA PHE A 92 -1.07 1.20 -18.50
C PHE A 92 0.10 1.35 -17.52
N SER A 93 -0.14 1.76 -16.27
CA SER A 93 0.90 1.88 -15.23
C SER A 93 1.54 0.52 -14.93
N VAL A 94 2.79 0.53 -14.46
CA VAL A 94 3.48 -0.67 -13.91
C VAL A 94 4.06 -0.28 -12.55
N ALA A 95 4.60 -1.25 -11.82
CA ALA A 95 5.20 -1.02 -10.50
C ALA A 95 6.49 -0.22 -10.69
N PRO A 96 6.79 0.75 -9.79
CA PRO A 96 8.01 1.54 -9.88
C PRO A 96 9.24 0.66 -10.16
N ASP A 97 9.31 -0.45 -9.43
CA ASP A 97 10.31 -1.53 -9.57
C ASP A 97 10.57 -1.78 -11.05
N VAL A 98 9.50 -2.23 -11.73
CA VAL A 98 9.54 -3.10 -12.95
C VAL A 98 10.38 -2.46 -14.05
N ARG A 99 11.26 -3.25 -14.64
CA ARG A 99 11.92 -3.00 -15.95
C ARG A 99 12.03 -4.36 -16.65
N PRO A 100 12.09 -4.42 -18.00
CA PRO A 100 11.76 -3.28 -18.86
C PRO A 100 10.24 -3.03 -18.95
N TRP A 101 9.86 -1.84 -19.39
CA TRP A 101 8.44 -1.44 -19.58
C TRP A 101 7.83 -2.33 -20.65
N PRO A 102 6.54 -2.73 -20.54
CA PRO A 102 5.86 -3.36 -21.67
C PRO A 102 5.89 -2.35 -22.82
N ARG A 103 5.91 -2.84 -24.06
CA ARG A 103 6.11 -2.00 -25.27
C ARG A 103 4.93 -1.03 -25.43
N SER A 104 3.75 -1.39 -24.90
CA SER A 104 2.56 -0.49 -24.76
C SER A 104 2.95 0.82 -24.07
N LEU A 105 3.50 0.71 -22.85
CA LEU A 105 3.90 1.86 -22.01
C LEU A 105 5.07 2.60 -22.66
N ALA A 106 6.02 1.86 -23.26
CA ALA A 106 7.17 2.47 -23.98
C ALA A 106 6.62 3.38 -25.09
N ASN A 107 5.61 2.89 -25.83
CA ASN A 107 5.00 3.60 -26.98
C ASN A 107 4.27 4.82 -26.45
N ILE A 108 3.60 4.69 -25.28
CA ILE A 108 2.92 5.84 -24.61
C ILE A 108 3.98 6.86 -24.20
N PHE A 109 5.10 6.41 -23.66
CA PHE A 109 6.22 7.30 -23.25
C PHE A 109 6.87 7.91 -24.49
N ASP A 110 6.98 7.19 -25.62
CA ASP A 110 7.48 7.80 -26.89
C ASP A 110 6.65 9.05 -27.11
N GLU A 111 5.33 8.89 -27.18
CA GLU A 111 4.38 9.93 -27.64
C GLU A 111 4.35 11.10 -26.65
N TYR A 112 4.37 10.83 -25.34
CA TYR A 112 4.52 11.82 -24.24
C TYR A 112 5.67 12.77 -24.58
N THR A 113 6.83 12.23 -24.93
CA THR A 113 8.06 13.00 -25.19
C THR A 113 7.82 13.83 -26.45
N ALA A 114 7.37 13.19 -27.54
CA ALA A 114 7.09 13.85 -28.84
C ALA A 114 6.09 15.01 -28.64
N ASP A 115 5.05 14.77 -27.85
CA ASP A 115 3.91 15.71 -27.63
C ASP A 115 4.31 16.86 -26.70
N LEU A 116 4.96 16.59 -25.57
CA LEU A 116 5.21 17.59 -24.49
C LEU A 116 6.69 18.02 -24.46
N GLY A 117 7.57 17.27 -25.12
CA GLY A 117 9.00 17.62 -25.16
C GLY A 117 9.63 17.49 -23.79
N TYR A 118 9.08 16.62 -22.95
CA TYR A 118 9.69 16.14 -21.70
C TYR A 118 10.57 14.94 -22.03
N PRO A 119 11.68 14.71 -21.29
CA PRO A 119 12.49 13.52 -21.48
C PRO A 119 11.72 12.33 -20.91
N LEU A 120 12.17 11.10 -21.19
CA LEU A 120 11.46 9.85 -20.79
C LEU A 120 11.41 9.77 -19.26
N PRO A 121 10.30 9.27 -18.66
CA PRO A 121 10.22 9.07 -17.22
C PRO A 121 11.28 8.10 -16.68
N SER A 122 11.59 8.23 -15.39
CA SER A 122 12.62 7.44 -14.68
C SER A 122 12.02 6.15 -14.08
N ASN A 123 10.69 5.94 -14.21
CA ASN A 123 9.99 4.68 -13.85
C ASN A 123 8.59 4.65 -14.48
N GLY A 124 7.90 3.51 -14.46
CA GLY A 124 6.68 3.27 -15.25
C GLY A 124 5.40 3.50 -14.44
N ASP A 125 5.53 4.10 -13.25
CA ASP A 125 4.47 4.30 -12.24
C ASP A 125 3.67 5.55 -12.58
N LEU A 126 2.40 5.41 -12.93
CA LEU A 126 1.56 6.55 -13.37
C LEU A 126 0.71 7.09 -12.23
N THR A 127 0.93 6.71 -10.98
CA THR A 127 0.09 7.20 -9.85
C THR A 127 0.03 8.73 -9.88
N PRO A 128 1.11 9.48 -10.24
CA PRO A 128 1.02 10.95 -10.22
C PRO A 128 -0.14 11.46 -11.08
N TRP A 129 -0.39 10.79 -12.22
CA TRP A 129 -1.56 11.05 -13.10
C TRP A 129 -2.86 10.82 -12.32
N ALA A 130 -2.95 9.68 -11.62
CA ALA A 130 -4.08 9.33 -10.74
C ALA A 130 -4.30 10.45 -9.71
N GLN A 131 -3.22 10.95 -9.12
CA GLN A 131 -3.23 11.99 -8.04
C GLN A 131 -3.81 13.31 -8.58
N ARG A 132 -3.64 13.57 -9.88
CA ARG A 132 -3.97 14.87 -10.52
C ARG A 132 -5.30 14.79 -11.27
N GLY A 133 -6.02 13.67 -11.15
CA GLY A 133 -7.39 13.53 -11.67
C GLY A 133 -7.42 12.92 -13.05
N VAL A 134 -6.45 12.08 -13.37
CA VAL A 134 -6.54 11.15 -14.54
C VAL A 134 -7.05 9.82 -14.01
N LEU A 135 -8.21 9.39 -14.48
CA LEU A 135 -8.77 8.05 -14.18
C LEU A 135 -8.16 7.07 -15.19
N LEU A 136 -7.33 6.15 -14.70
CA LEU A 136 -6.66 5.10 -15.48
C LEU A 136 -7.47 3.83 -15.28
N LEU A 137 -8.53 3.71 -16.09
CA LEU A 137 -9.60 2.69 -16.00
C LEU A 137 -9.35 1.64 -17.10
N ASN A 138 -9.26 0.36 -16.73
CA ASN A 138 -9.38 -0.75 -17.70
C ASN A 138 -10.84 -1.15 -17.76
N ARG A 139 -11.34 -1.40 -18.97
CA ARG A 139 -12.72 -1.84 -19.22
C ARG A 139 -13.00 -3.15 -18.45
N VAL A 140 -11.97 -3.97 -18.20
CA VAL A 140 -11.97 -5.26 -17.43
C VAL A 140 -10.86 -5.17 -16.36
N LEU A 141 -11.14 -5.49 -15.10
CA LEU A 141 -10.24 -5.10 -13.97
C LEU A 141 -9.33 -6.26 -13.50
N THR A 142 -9.54 -7.50 -13.94
CA THR A 142 -8.58 -8.62 -13.71
C THR A 142 -8.24 -9.33 -15.01
N VAL A 143 -7.34 -10.31 -14.92
CA VAL A 143 -6.70 -11.06 -16.04
C VAL A 143 -6.06 -12.31 -15.44
N ARG A 144 -6.14 -13.44 -16.14
CA ARG A 144 -5.41 -14.67 -15.77
C ARG A 144 -3.92 -14.42 -15.99
N PRO A 145 -3.04 -14.68 -15.00
CA PRO A 145 -1.62 -14.36 -15.13
C PRO A 145 -1.04 -15.05 -16.38
N SER A 146 -0.28 -14.27 -17.16
CA SER A 146 0.51 -14.65 -18.36
C SER A 146 -0.41 -14.92 -19.54
N ASN A 147 -1.69 -14.58 -19.46
CA ASN A 147 -2.66 -14.83 -20.54
C ASN A 147 -3.41 -13.54 -20.83
N PRO A 148 -3.03 -12.81 -21.89
CA PRO A 148 -3.63 -11.49 -22.16
C PRO A 148 -5.17 -11.53 -22.34
N ALA A 149 -5.83 -10.43 -21.96
CA ALA A 149 -7.28 -10.16 -22.13
C ALA A 149 -8.14 -11.43 -21.92
N SER A 150 -7.91 -12.15 -20.81
CA SER A 150 -8.44 -13.52 -20.55
C SER A 150 -9.66 -13.50 -19.62
N HIS A 151 -9.97 -12.36 -19.00
CA HIS A 151 -11.15 -12.17 -18.11
C HIS A 151 -12.21 -11.31 -18.82
N ARG A 152 -12.21 -11.25 -20.14
CA ARG A 152 -13.31 -10.62 -20.92
C ARG A 152 -14.60 -11.42 -20.73
N GLY A 153 -15.72 -10.73 -20.55
CA GLY A 153 -17.07 -11.32 -20.56
C GLY A 153 -17.39 -12.10 -19.30
N LYS A 154 -16.82 -11.74 -18.14
CA LYS A 154 -17.05 -12.44 -16.85
C LYS A 154 -17.93 -11.61 -15.89
N GLY A 155 -18.00 -10.29 -16.09
CA GLY A 155 -18.87 -9.36 -15.34
C GLY A 155 -18.24 -8.03 -14.97
N TRP A 156 -16.98 -7.75 -15.37
CA TRP A 156 -16.32 -6.45 -15.08
C TRP A 156 -16.97 -5.33 -15.90
N GLU A 157 -17.41 -5.66 -17.13
CA GLU A 157 -17.83 -4.69 -18.17
C GLU A 157 -18.90 -3.76 -17.56
N ALA A 158 -19.91 -4.33 -16.89
CA ALA A 158 -21.03 -3.58 -16.28
C ALA A 158 -20.49 -2.72 -15.14
N VAL A 159 -19.40 -3.12 -14.50
CA VAL A 159 -18.86 -2.35 -13.34
C VAL A 159 -18.17 -1.09 -13.89
N THR A 160 -17.31 -1.24 -14.91
CA THR A 160 -16.53 -0.15 -15.54
C THR A 160 -17.45 0.70 -16.43
N GLU A 161 -18.53 0.12 -16.99
CA GLU A 161 -19.60 0.87 -17.72
C GLU A 161 -20.30 1.82 -16.74
N CYS A 162 -20.61 1.35 -15.53
CA CYS A 162 -21.30 2.14 -14.46
C CYS A 162 -20.40 3.29 -14.02
N ALA A 163 -19.09 3.06 -13.91
CA ALA A 163 -18.10 4.08 -13.48
C ALA A 163 -18.14 5.23 -14.50
N ILE A 164 -18.12 4.86 -15.77
CA ILE A 164 -17.98 5.80 -16.92
C ILE A 164 -19.25 6.65 -17.02
N ARG A 165 -20.42 6.01 -16.92
CA ARG A 165 -21.73 6.70 -17.03
C ARG A 165 -21.85 7.72 -15.89
N ALA A 166 -21.35 7.38 -14.69
CA ALA A 166 -21.38 8.25 -13.49
C ALA A 166 -20.42 9.43 -13.64
N LEU A 167 -19.24 9.24 -14.23
CA LEU A 167 -18.33 10.37 -14.58
C LEU A 167 -19.04 11.32 -15.56
N ALA A 168 -19.70 10.75 -16.57
CA ALA A 168 -20.35 11.49 -17.67
C ALA A 168 -21.55 12.30 -17.15
N ALA A 169 -22.12 11.89 -15.99
CA ALA A 169 -23.35 12.48 -15.41
C ALA A 169 -23.03 13.71 -14.56
N ARG A 170 -21.79 13.83 -14.08
CA ARG A 170 -21.37 14.91 -13.14
C ARG A 170 -21.57 16.29 -13.76
N ALA A 171 -22.01 17.25 -12.95
CA ALA A 171 -21.78 18.70 -13.20
C ALA A 171 -20.27 18.93 -13.12
N ALA A 172 -19.56 18.68 -14.20
CA ALA A 172 -18.10 18.85 -14.31
C ALA A 172 -17.64 18.46 -15.71
N PRO A 173 -16.57 19.11 -16.23
CA PRO A 173 -16.05 18.79 -17.56
C PRO A 173 -15.26 17.47 -17.49
N LEU A 174 -15.16 16.79 -18.63
CA LEU A 174 -14.46 15.49 -18.76
C LEU A 174 -13.84 15.41 -20.15
N VAL A 175 -12.57 15.02 -20.21
CA VAL A 175 -11.93 14.52 -21.47
C VAL A 175 -11.78 13.01 -21.32
N ALA A 176 -12.24 12.27 -22.32
CA ALA A 176 -12.06 10.81 -22.43
C ALA A 176 -11.03 10.57 -23.54
N ILE A 177 -9.87 10.03 -23.18
CA ILE A 177 -8.87 9.55 -24.17
C ILE A 177 -9.19 8.06 -24.39
N LEU A 178 -9.64 7.69 -25.59
CA LEU A 178 -10.12 6.32 -25.90
C LEU A 178 -9.16 5.65 -26.89
N TRP A 179 -8.38 4.67 -26.43
CA TRP A 179 -7.35 3.97 -27.25
C TRP A 179 -7.91 2.62 -27.75
N GLY A 180 -8.14 2.53 -29.08
CA GLY A 180 -8.46 1.29 -29.81
C GLY A 180 -9.91 1.24 -30.28
N ARG A 181 -10.19 0.39 -31.26
CA ARG A 181 -11.56 0.13 -31.81
C ARG A 181 -12.54 -0.14 -30.67
N ASP A 182 -12.17 -0.97 -29.69
CA ASP A 182 -13.08 -1.38 -28.58
C ASP A 182 -13.42 -0.17 -27.72
N ALA A 183 -12.42 0.65 -27.38
CA ALA A 183 -12.56 1.88 -26.55
C ALA A 183 -13.47 2.90 -27.24
N SER A 184 -13.57 2.86 -28.57
CA SER A 184 -14.38 3.81 -29.38
C SER A 184 -15.90 3.53 -29.23
N THR A 185 -16.31 2.30 -28.84
CA THR A 185 -17.74 1.92 -28.62
C THR A 185 -18.29 2.54 -27.32
N LEU A 186 -17.43 3.13 -26.48
CA LEU A 186 -17.83 3.84 -25.23
C LEU A 186 -18.30 5.27 -25.54
N LYS A 187 -18.29 5.69 -26.80
CA LYS A 187 -18.61 7.09 -27.22
C LYS A 187 -20.07 7.43 -26.87
N PRO A 188 -21.07 6.57 -27.18
CA PRO A 188 -22.45 6.79 -26.73
C PRO A 188 -22.61 7.29 -25.28
N MET A 189 -21.79 6.76 -24.37
CA MET A 189 -21.89 7.04 -22.92
C MET A 189 -21.22 8.39 -22.59
N LEU A 190 -20.74 9.12 -23.60
CA LEU A 190 -19.98 10.40 -23.44
C LEU A 190 -20.53 11.48 -24.39
N ALA A 191 -21.77 11.35 -24.87
CA ALA A 191 -22.40 12.27 -25.86
C ALA A 191 -22.84 13.57 -25.17
N ALA A 192 -23.18 13.49 -23.88
CA ALA A 192 -23.46 14.64 -22.98
C ALA A 192 -22.39 15.71 -23.22
N GLY A 193 -22.82 16.94 -23.57
CA GLY A 193 -21.98 18.05 -24.05
C GLY A 193 -20.83 18.39 -23.10
N ASN A 194 -20.86 17.94 -21.85
CA ASN A 194 -19.79 18.21 -20.85
C ASN A 194 -18.58 17.28 -21.07
N CYS A 195 -18.70 16.23 -21.90
N CYS A 195 -18.76 16.19 -21.84
CA CYS A 195 -17.67 15.17 -22.10
CA CYS A 195 -17.75 15.16 -22.18
C CYS A 195 -17.21 15.11 -23.57
C CYS A 195 -17.19 15.39 -23.59
N VAL A 196 -15.89 15.16 -23.80
CA VAL A 196 -15.27 15.16 -25.16
C VAL A 196 -14.38 13.93 -25.32
N ALA A 197 -14.55 13.20 -26.43
CA ALA A 197 -13.75 12.01 -26.82
C ALA A 197 -12.59 12.42 -27.73
N ILE A 198 -11.39 11.96 -27.39
CA ILE A 198 -10.21 11.82 -28.30
C ILE A 198 -10.05 10.32 -28.59
N GLU A 199 -10.15 9.94 -29.86
CA GLU A 199 -9.99 8.52 -30.30
C GLU A 199 -8.71 8.40 -31.14
N SER A 200 -7.95 7.32 -30.95
CA SER A 200 -6.84 6.92 -31.84
C SER A 200 -6.62 5.42 -31.72
N PRO A 201 -5.86 4.81 -32.66
CA PRO A 201 -5.35 3.46 -32.48
C PRO A 201 -4.57 3.29 -31.16
N HIS A 202 -4.75 2.14 -30.52
CA HIS A 202 -4.12 1.68 -29.24
C HIS A 202 -2.59 1.78 -29.30
N PRO A 203 -1.89 2.17 -28.20
CA PRO A 203 -0.43 2.28 -28.22
C PRO A 203 0.32 0.95 -28.34
N SER A 204 -0.38 -0.18 -28.19
CA SER A 204 0.19 -1.54 -28.41
C SER A 204 0.94 -1.55 -29.73
N PRO A 205 2.10 -2.24 -29.82
CA PRO A 205 2.91 -2.25 -31.05
C PRO A 205 2.16 -2.68 -32.32
N LEU A 206 1.24 -3.64 -32.18
CA LEU A 206 0.33 -4.15 -33.25
C LEU A 206 -0.32 -2.98 -34.00
N SER A 207 -0.62 -1.85 -33.33
CA SER A 207 -1.47 -0.76 -33.86
C SER A 207 -0.81 0.63 -33.77
N ALA A 208 0.26 0.79 -32.98
CA ALA A 208 0.90 2.10 -32.66
C ALA A 208 1.20 2.93 -33.91
N SER A 209 1.56 2.29 -35.02
CA SER A 209 2.05 2.95 -36.27
C SER A 209 0.89 3.38 -37.17
N ARG A 210 -0.35 3.04 -36.79
CA ARG A 210 -1.58 3.28 -37.59
C ARG A 210 -2.28 4.57 -37.15
N GLY A 211 -1.72 5.34 -36.20
CA GLY A 211 -2.37 6.57 -35.71
C GLY A 211 -1.92 7.05 -34.32
N PHE A 212 -1.53 6.16 -33.41
CA PHE A 212 -1.20 6.55 -32.00
C PHE A 212 -0.02 7.53 -31.99
N PHE A 213 1.09 7.20 -32.63
CA PHE A 213 2.26 8.12 -32.80
C PHE A 213 1.77 9.35 -33.56
N GLY A 214 2.06 10.53 -33.01
CA GLY A 214 1.64 11.84 -33.56
C GLY A 214 0.24 12.26 -33.13
N SER A 215 -0.46 11.48 -32.30
CA SER A 215 -1.88 11.72 -31.95
C SER A 215 -2.02 12.86 -30.93
N ARG A 216 -0.97 13.14 -30.13
CA ARG A 216 -0.84 14.35 -29.26
C ARG A 216 -1.97 14.42 -28.24
N PRO A 217 -2.29 13.33 -27.52
CA PRO A 217 -3.51 13.30 -26.72
C PRO A 217 -3.35 14.10 -25.41
N PHE A 218 -2.12 14.23 -24.93
CA PHE A 218 -1.83 14.90 -23.63
C PHE A 218 -2.05 16.40 -23.80
N SER A 219 -1.44 17.00 -24.82
CA SER A 219 -1.55 18.45 -25.11
C SER A 219 -3.00 18.78 -25.51
N ARG A 220 -3.60 17.92 -26.33
CA ARG A 220 -4.98 18.13 -26.84
C ARG A 220 -5.97 18.09 -25.68
N ALA A 221 -5.78 17.17 -24.72
CA ALA A 221 -6.68 16.99 -23.56
C ALA A 221 -6.70 18.30 -22.76
N ASN A 222 -5.53 18.84 -22.46
CA ASN A 222 -5.37 20.12 -21.73
C ASN A 222 -6.00 21.27 -22.50
N GLU A 223 -5.81 21.36 -23.82
CA GLU A 223 -6.53 22.37 -24.66
C GLU A 223 -8.02 22.18 -24.42
N LEU A 224 -8.52 20.95 -24.56
CA LEU A 224 -9.95 20.63 -24.37
C LEU A 224 -10.39 21.12 -22.98
N LEU A 225 -9.72 20.68 -21.91
CA LEU A 225 -9.99 21.05 -20.50
C LEU A 225 -10.15 22.57 -20.35
N VAL A 226 -9.15 23.33 -20.81
CA VAL A 226 -9.10 24.82 -20.65
C VAL A 226 -10.29 25.46 -21.36
N GLY A 227 -10.62 24.99 -22.57
CA GLY A 227 -11.80 25.43 -23.34
C GLY A 227 -13.10 25.24 -22.58
N MET A 228 -13.16 24.23 -21.68
CA MET A 228 -14.35 23.90 -20.86
C MET A 228 -14.28 24.56 -19.47
N GLY A 229 -13.29 25.42 -19.21
CA GLY A 229 -13.12 26.11 -17.92
C GLY A 229 -12.50 25.24 -16.84
N ALA A 230 -12.01 24.05 -17.20
CA ALA A 230 -11.32 23.12 -16.27
C ALA A 230 -9.83 23.48 -16.20
N GLU A 231 -9.20 23.17 -15.07
CA GLU A 231 -7.74 23.27 -14.84
C GLU A 231 -7.10 22.18 -15.69
N PRO A 232 -6.00 22.44 -16.44
CA PRO A 232 -5.32 21.37 -17.17
C PRO A 232 -4.51 20.42 -16.26
N ILE A 233 -4.09 19.28 -16.82
CA ILE A 233 -3.34 18.19 -16.13
C ILE A 233 -1.82 18.44 -16.25
N ASP A 234 -1.08 18.48 -15.14
CA ASP A 234 0.41 18.39 -15.18
C ASP A 234 0.76 16.93 -15.49
N TRP A 235 1.12 16.63 -16.75
CA TRP A 235 1.45 15.26 -17.24
C TRP A 235 2.85 14.84 -16.80
N ARG A 236 3.69 15.76 -16.30
CA ARG A 236 5.12 15.49 -16.04
C ARG A 236 5.27 14.39 -14.99
N LEU A 237 5.97 13.31 -15.37
CA LEU A 237 6.38 12.20 -14.46
C LEU A 237 7.86 12.35 -14.16
N PRO A 238 8.33 12.06 -12.93
CA PRO A 238 9.74 12.19 -12.59
C PRO A 238 10.66 11.14 -13.25
N LEU B 17 18.10 7.47 2.55
CA LEU B 17 17.86 7.05 3.99
C LEU B 17 17.63 8.30 4.84
N SER B 18 18.35 9.36 4.53
CA SER B 18 18.04 10.75 4.96
C SER B 18 16.56 11.07 4.68
N GLU B 19 16.01 10.54 3.59
CA GLU B 19 14.63 10.86 3.07
C GLU B 19 13.63 9.78 3.50
N LEU B 20 14.08 8.62 3.96
CA LEU B 20 13.22 7.45 4.29
C LEU B 20 12.84 7.45 5.78
N VAL B 21 13.74 7.94 6.65
CA VAL B 21 13.56 7.89 8.13
C VAL B 21 13.90 9.26 8.76
N GLU B 22 13.64 9.41 10.06
CA GLU B 22 13.92 10.62 10.88
C GLU B 22 15.43 10.71 11.18
N ARG B 23 15.91 11.94 11.42
CA ARG B 23 17.32 12.38 11.62
C ARG B 23 18.08 11.40 12.54
N GLY B 24 17.65 11.29 13.79
CA GLY B 24 18.29 10.42 14.80
C GLY B 24 18.42 8.99 14.29
N TRP B 25 17.39 8.48 13.59
CA TRP B 25 17.37 7.10 13.06
C TRP B 25 18.33 6.96 11.88
N ALA B 26 18.37 7.96 10.98
CA ALA B 26 19.26 7.97 9.79
C ALA B 26 20.72 7.81 10.25
N ALA B 27 21.13 8.57 11.27
CA ALA B 27 22.48 8.45 11.89
C ALA B 27 22.63 7.06 12.53
N ALA B 28 21.63 6.60 13.30
CA ALA B 28 21.70 5.34 14.07
C ALA B 28 21.83 4.13 13.15
N LEU B 29 21.17 4.15 11.98
CA LEU B 29 21.09 3.02 11.02
C LEU B 29 22.13 3.15 9.91
N GLU B 30 22.94 4.23 9.93
CA GLU B 30 24.05 4.46 8.95
C GLU B 30 24.80 3.15 8.72
N PRO B 31 25.20 2.39 9.77
CA PRO B 31 26.00 1.20 9.56
C PRO B 31 25.31 0.18 8.65
N VAL B 32 23.98 0.27 8.42
CA VAL B 32 23.21 -0.72 7.61
C VAL B 32 22.49 -0.03 6.43
N ALA B 33 22.98 1.13 5.98
CA ALA B 33 22.53 1.81 4.74
C ALA B 33 22.59 0.85 3.55
N ASP B 34 23.71 0.11 3.40
CA ASP B 34 23.96 -0.96 2.39
C ASP B 34 22.83 -2.00 2.48
N GLN B 35 22.57 -2.52 3.68
CA GLN B 35 21.63 -3.65 3.91
C GLN B 35 20.21 -3.17 3.66
N VAL B 36 19.87 -1.94 4.07
CA VAL B 36 18.56 -1.30 3.80
C VAL B 36 18.34 -1.24 2.27
N ALA B 37 19.23 -0.57 1.53
CA ALA B 37 19.22 -0.47 0.05
C ALA B 37 19.03 -1.88 -0.56
N HIS B 38 19.76 -2.86 -0.03
CA HIS B 38 19.79 -4.26 -0.53
C HIS B 38 18.42 -4.96 -0.34
N MET B 39 17.75 -4.74 0.78
CA MET B 39 16.37 -5.27 1.02
C MET B 39 15.39 -4.53 0.11
N GLY B 40 15.66 -3.26 -0.21
CA GLY B 40 15.04 -2.52 -1.33
C GLY B 40 15.03 -3.37 -2.59
N GLN B 41 16.20 -3.90 -2.98
CA GLN B 41 16.36 -4.75 -4.18
C GLN B 41 15.58 -6.05 -3.97
N PHE B 42 15.44 -6.53 -2.73
CA PHE B 42 14.66 -7.76 -2.40
C PHE B 42 13.19 -7.52 -2.75
N LEU B 43 12.60 -6.44 -2.24
CA LEU B 43 11.18 -6.08 -2.45
C LEU B 43 10.93 -5.89 -3.95
N ARG B 44 11.77 -5.10 -4.61
CA ARG B 44 11.75 -4.87 -6.08
C ARG B 44 11.62 -6.24 -6.77
N ALA B 45 12.52 -7.18 -6.43
CA ALA B 45 12.58 -8.56 -6.96
C ALA B 45 11.29 -9.33 -6.61
N GLU B 46 10.79 -9.19 -5.39
CA GLU B 46 9.54 -9.87 -4.97
C GLU B 46 8.40 -9.48 -5.90
N ILE B 47 8.21 -8.19 -6.23
CA ILE B 47 7.12 -7.71 -7.13
C ILE B 47 7.31 -8.38 -8.50
N ALA B 48 8.55 -8.44 -8.99
CA ALA B 48 8.93 -9.02 -10.30
C ALA B 48 8.57 -10.51 -10.35
N ALA B 49 8.78 -11.25 -9.26
CA ALA B 49 8.46 -12.69 -9.17
C ALA B 49 6.94 -12.91 -9.22
N GLY B 50 6.15 -11.91 -8.85
CA GLY B 50 4.68 -11.99 -8.80
C GLY B 50 4.17 -12.27 -7.39
N ARG B 51 5.04 -12.74 -6.50
CA ARG B 51 4.85 -12.64 -5.04
C ARG B 51 4.92 -11.15 -4.73
N ARG B 52 4.30 -10.70 -3.65
CA ARG B 52 4.24 -9.25 -3.35
C ARG B 52 4.96 -9.02 -2.00
N TYR B 53 4.60 -7.98 -1.25
CA TYR B 53 5.06 -7.77 0.14
C TYR B 53 4.10 -6.85 0.87
N LEU B 54 4.00 -7.04 2.18
CA LEU B 54 3.40 -6.07 3.12
C LEU B 54 4.48 -5.69 4.13
N PRO B 55 4.41 -4.50 4.76
CA PRO B 55 3.37 -3.51 4.44
C PRO B 55 3.63 -2.82 3.10
N ALA B 56 2.80 -1.83 2.76
CA ALA B 56 3.02 -0.90 1.64
C ALA B 56 4.48 -0.37 1.70
N GLY B 57 5.11 -0.14 0.55
CA GLY B 57 6.53 0.28 0.43
C GLY B 57 6.86 1.47 1.34
N SER B 58 5.93 2.43 1.43
CA SER B 58 6.08 3.72 2.18
C SER B 58 5.92 3.52 3.69
N ASN B 59 5.43 2.36 4.14
CA ASN B 59 5.24 2.07 5.59
C ASN B 59 6.29 1.08 6.13
N VAL B 60 7.17 0.53 5.30
CA VAL B 60 8.15 -0.50 5.77
C VAL B 60 8.99 0.05 6.93
N LEU B 61 9.51 1.28 6.80
CA LEU B 61 10.46 1.87 7.78
C LEU B 61 9.70 2.81 8.74
N ARG B 62 8.40 2.59 8.90
CA ARG B 62 7.50 3.57 9.58
C ARG B 62 7.97 3.79 11.03
N ALA B 63 8.43 2.75 11.70
CA ALA B 63 8.85 2.79 13.13
C ALA B 63 10.04 3.75 13.31
N PHE B 64 10.80 4.01 12.24
CA PHE B 64 12.02 4.87 12.24
C PHE B 64 11.68 6.29 11.76
N THR B 65 10.40 6.62 11.55
CA THR B 65 9.93 7.99 11.17
C THR B 65 9.55 8.79 12.41
N PHE B 66 9.44 8.15 13.58
CA PHE B 66 9.29 8.79 14.92
C PHE B 66 10.68 8.94 15.55
N PRO B 67 10.94 10.01 16.34
CA PRO B 67 12.30 10.35 16.75
C PRO B 67 13.00 9.31 17.64
N PHE B 68 14.28 9.06 17.34
CA PHE B 68 15.14 8.01 17.95
C PHE B 68 15.51 8.40 19.40
N ASP B 69 15.58 9.69 19.69
CA ASP B 69 15.95 10.23 21.03
C ASP B 69 14.71 10.21 21.94
N ASN B 70 13.52 10.15 21.36
CA ASN B 70 12.24 10.14 22.12
C ASN B 70 11.89 8.73 22.61
N VAL B 71 12.51 7.66 22.06
CA VAL B 71 12.14 6.24 22.37
C VAL B 71 12.50 5.94 23.85
N ARG B 72 11.56 5.33 24.57
CA ARG B 72 11.74 4.93 25.99
C ARG B 72 11.32 3.47 26.20
N VAL B 73 10.47 2.93 25.32
CA VAL B 73 9.98 1.52 25.39
C VAL B 73 10.12 0.93 23.99
N LEU B 74 10.72 -0.25 23.93
CA LEU B 74 10.93 -1.03 22.69
C LEU B 74 10.05 -2.26 22.81
N ILE B 75 9.06 -2.39 21.92
CA ILE B 75 8.22 -3.61 21.83
C ILE B 75 8.64 -4.36 20.56
N VAL B 76 9.18 -5.57 20.75
CA VAL B 76 9.71 -6.43 19.66
C VAL B 76 8.63 -7.43 19.27
N GLY B 77 8.09 -7.29 18.07
CA GLY B 77 7.30 -8.32 17.37
C GLY B 77 8.18 -9.05 16.39
N GLN B 78 7.67 -10.06 15.70
CA GLN B 78 8.55 -10.96 14.92
C GLN B 78 8.42 -10.63 13.41
N ASP B 79 7.22 -10.69 12.83
CA ASP B 79 6.99 -10.42 11.38
C ASP B 79 5.69 -9.63 11.22
N PRO B 80 5.54 -8.83 10.14
CA PRO B 80 4.30 -8.09 9.91
C PRO B 80 3.10 -9.02 9.68
N TYR B 81 1.88 -8.54 9.98
CA TYR B 81 0.60 -9.24 9.74
C TYR B 81 0.54 -9.62 8.27
N PRO B 82 0.22 -10.88 7.93
CA PRO B 82 0.18 -11.33 6.53
C PRO B 82 -1.07 -10.91 5.74
N THR B 83 -2.14 -10.51 6.43
CA THR B 83 -3.44 -10.09 5.86
C THR B 83 -3.31 -8.68 5.27
N PRO B 84 -3.50 -8.49 3.95
CA PRO B 84 -3.39 -7.17 3.35
C PRO B 84 -4.26 -6.13 4.05
N GLY B 85 -3.68 -4.97 4.34
CA GLY B 85 -4.37 -3.83 4.99
C GLY B 85 -4.23 -3.86 6.51
N HIS B 86 -3.84 -4.99 7.10
CA HIS B 86 -3.51 -5.11 8.55
C HIS B 86 -2.17 -4.41 8.82
N ALA B 87 -1.10 -4.90 8.22
CA ALA B 87 0.29 -4.42 8.41
C ALA B 87 0.42 -2.96 7.96
N VAL B 88 0.94 -2.09 8.83
CA VAL B 88 1.18 -0.65 8.54
C VAL B 88 2.56 -0.20 9.04
N GLY B 89 3.48 -1.14 9.29
CA GLY B 89 4.90 -0.84 9.56
C GLY B 89 5.18 -0.44 11.00
N LEU B 90 4.22 -0.67 11.91
CA LEU B 90 4.40 -0.60 13.39
C LEU B 90 3.95 -1.95 13.95
N SER B 91 4.78 -2.61 14.74
CA SER B 91 4.54 -3.99 15.22
C SER B 91 3.19 -4.01 15.95
N PHE B 92 2.33 -4.97 15.57
CA PHE B 92 1.01 -5.27 16.19
C PHE B 92 -0.05 -4.20 15.86
N SER B 93 0.27 -3.13 15.13
CA SER B 93 -0.73 -2.07 14.82
C SER B 93 -1.55 -2.50 13.61
N VAL B 94 -2.75 -1.92 13.42
CA VAL B 94 -3.54 -2.08 12.18
C VAL B 94 -4.14 -0.73 11.81
N ALA B 95 -4.56 -0.59 10.55
CA ALA B 95 -5.18 0.64 10.02
C ALA B 95 -6.46 0.91 10.83
N PRO B 96 -6.84 2.21 11.00
CA PRO B 96 -7.93 2.59 11.90
C PRO B 96 -9.32 1.95 11.59
N ASP B 97 -9.48 1.40 10.38
CA ASP B 97 -10.78 0.94 9.81
C ASP B 97 -10.85 -0.58 9.89
N VAL B 98 -9.74 -1.26 10.19
CA VAL B 98 -9.64 -2.75 10.17
C VAL B 98 -10.40 -3.32 11.37
N ARG B 99 -11.29 -4.29 11.10
CA ARG B 99 -12.12 -5.03 12.08
C ARG B 99 -12.53 -6.35 11.44
N PRO B 100 -12.61 -7.48 12.18
CA PRO B 100 -12.15 -7.57 13.57
C PRO B 100 -10.62 -7.46 13.69
N TRP B 101 -10.15 -6.97 14.83
CA TRP B 101 -8.70 -7.00 15.18
C TRP B 101 -8.19 -8.42 14.98
N PRO B 102 -6.93 -8.59 14.52
CA PRO B 102 -6.23 -9.86 14.66
C PRO B 102 -6.20 -10.34 16.12
N ARG B 103 -6.18 -11.65 16.35
CA ARG B 103 -6.35 -12.24 17.72
C ARG B 103 -5.19 -11.81 18.62
N SER B 104 -3.99 -11.65 18.03
CA SER B 104 -2.79 -11.09 18.71
C SER B 104 -3.14 -9.74 19.33
N LEU B 105 -3.67 -8.82 18.54
CA LEU B 105 -3.95 -7.43 18.96
C LEU B 105 -5.11 -7.42 19.99
N ALA B 106 -6.06 -8.34 19.86
CA ALA B 106 -7.24 -8.44 20.76
C ALA B 106 -6.78 -8.97 22.12
N ASN B 107 -5.85 -9.94 22.09
CA ASN B 107 -5.19 -10.54 23.28
C ASN B 107 -4.35 -9.46 23.96
N ILE B 108 -3.72 -8.56 23.19
CA ILE B 108 -2.93 -7.43 23.73
C ILE B 108 -3.87 -6.46 24.46
N PHE B 109 -4.94 -6.02 23.80
CA PHE B 109 -5.90 -5.06 24.39
C PHE B 109 -6.53 -5.68 25.65
N ASP B 110 -6.84 -6.98 25.65
CA ASP B 110 -7.37 -7.67 26.86
C ASP B 110 -6.40 -7.47 28.03
N GLU B 111 -5.09 -7.62 27.77
CA GLU B 111 -4.05 -7.45 28.83
C GLU B 111 -3.97 -5.96 29.21
N TYR B 112 -4.00 -5.09 28.22
CA TYR B 112 -4.08 -3.62 28.40
C TYR B 112 -5.19 -3.30 29.41
N THR B 113 -6.43 -3.74 29.17
CA THR B 113 -7.58 -3.45 30.09
C THR B 113 -7.36 -4.13 31.44
N ALA B 114 -6.92 -5.39 31.48
CA ALA B 114 -6.72 -6.15 32.73
C ALA B 114 -5.60 -5.50 33.57
N ASP B 115 -4.60 -4.91 32.91
CA ASP B 115 -3.43 -4.26 33.56
C ASP B 115 -3.80 -2.84 34.03
N LEU B 116 -4.37 -2.01 33.17
CA LEU B 116 -4.48 -0.54 33.36
C LEU B 116 -5.90 -0.16 33.78
N GLY B 117 -6.87 -1.04 33.56
CA GLY B 117 -8.28 -0.79 33.92
C GLY B 117 -8.96 0.15 32.96
N TYR B 118 -8.35 0.47 31.82
CA TYR B 118 -8.95 1.26 30.71
C TYR B 118 -9.89 0.37 29.93
N PRO B 119 -10.97 0.91 29.32
CA PRO B 119 -11.82 0.12 28.45
C PRO B 119 -11.13 -0.16 27.10
N LEU B 120 -11.69 -1.06 26.29
CA LEU B 120 -11.10 -1.48 24.99
C LEU B 120 -11.05 -0.27 24.06
N PRO B 121 -9.95 -0.12 23.28
CA PRO B 121 -9.84 0.97 22.31
C PRO B 121 -10.94 0.84 21.26
N SER B 122 -11.36 1.94 20.65
CA SER B 122 -12.36 1.94 19.55
C SER B 122 -11.76 1.38 18.24
N ASN B 123 -10.43 1.31 18.09
CA ASN B 123 -9.77 0.67 16.91
C ASN B 123 -8.35 0.16 17.28
N GLY B 124 -7.59 -0.31 16.27
CA GLY B 124 -6.31 -1.04 16.45
C GLY B 124 -5.08 -0.22 16.08
N ASP B 125 -5.24 1.05 15.75
CA ASP B 125 -4.13 2.00 15.41
C ASP B 125 -3.33 2.28 16.68
N LEU B 126 -2.02 1.99 16.67
CA LEU B 126 -1.12 2.17 17.84
C LEU B 126 -0.21 3.38 17.63
N THR B 127 -0.45 4.17 16.58
CA THR B 127 0.26 5.45 16.32
C THR B 127 0.47 6.24 17.62
N PRO B 128 -0.54 6.40 18.50
CA PRO B 128 -0.37 7.21 19.70
C PRO B 128 0.74 6.68 20.63
N TRP B 129 0.97 5.37 20.61
CA TRP B 129 2.13 4.76 21.31
C TRP B 129 3.44 5.26 20.69
N ALA B 130 3.54 5.22 19.36
CA ALA B 130 4.75 5.63 18.59
C ALA B 130 5.05 7.11 18.85
N GLN B 131 4.02 7.95 18.82
CA GLN B 131 4.10 9.41 19.09
C GLN B 131 4.66 9.67 20.50
N ARG B 132 4.50 8.73 21.43
CA ARG B 132 4.80 8.92 22.88
C ARG B 132 6.04 8.15 23.32
N GLY B 133 6.83 7.61 22.39
CA GLY B 133 8.15 7.02 22.68
C GLY B 133 8.17 5.51 22.72
N VAL B 134 7.14 4.84 22.17
CA VAL B 134 7.09 3.36 22.01
C VAL B 134 7.56 2.99 20.60
N LEU B 135 8.78 2.47 20.48
CA LEU B 135 9.29 1.89 19.22
C LEU B 135 8.61 0.55 19.01
N LEU B 136 7.71 0.48 18.03
CA LEU B 136 6.94 -0.73 17.67
C LEU B 136 7.68 -1.46 16.54
N LEU B 137 8.69 -2.26 16.91
CA LEU B 137 9.64 -2.91 15.98
C LEU B 137 9.28 -4.39 15.76
N ASN B 138 9.07 -4.79 14.50
CA ASN B 138 9.16 -6.22 14.09
C ASN B 138 10.63 -6.52 13.78
N ARG B 139 11.08 -7.72 14.13
CA ARG B 139 12.45 -8.22 13.88
C ARG B 139 12.67 -8.34 12.37
N VAL B 140 11.61 -8.63 11.62
CA VAL B 140 11.57 -8.63 10.12
C VAL B 140 10.47 -7.65 9.67
N LEU B 141 10.73 -6.87 8.63
CA LEU B 141 9.96 -5.64 8.32
C LEU B 141 9.09 -5.81 7.06
N THR B 142 9.14 -6.99 6.43
CA THR B 142 8.21 -7.35 5.32
C THR B 142 7.72 -8.80 5.49
N VAL B 143 6.69 -9.16 4.73
CA VAL B 143 6.03 -10.49 4.75
C VAL B 143 5.41 -10.70 3.37
N ARG B 144 5.46 -11.91 2.83
CA ARG B 144 4.69 -12.27 1.61
C ARG B 144 3.21 -12.18 1.95
N PRO B 145 2.38 -11.45 1.16
CA PRO B 145 0.95 -11.39 1.39
C PRO B 145 0.36 -12.78 1.69
N SER B 146 -0.42 -12.87 2.76
CA SER B 146 -1.23 -14.03 3.19
C SER B 146 -0.38 -15.16 3.77
N ASN B 147 0.95 -15.05 3.81
CA ASN B 147 1.83 -16.16 4.26
C ASN B 147 2.64 -15.72 5.47
N PRO B 148 2.31 -16.22 6.68
CA PRO B 148 2.98 -15.77 7.91
C PRO B 148 4.49 -16.01 7.96
N ALA B 149 5.24 -15.05 8.52
CA ALA B 149 6.68 -15.12 8.84
C ALA B 149 7.49 -15.69 7.66
N SER B 150 7.20 -15.24 6.44
CA SER B 150 7.69 -15.80 5.15
C SER B 150 8.93 -15.05 4.63
N HIS B 151 9.28 -13.91 5.21
CA HIS B 151 10.49 -13.14 4.81
C HIS B 151 11.57 -13.28 5.90
N ARG B 152 11.44 -14.24 6.81
CA ARG B 152 12.50 -14.40 7.83
C ARG B 152 13.74 -14.96 7.10
N GLY B 153 14.92 -14.45 7.43
CA GLY B 153 16.19 -14.97 6.91
C GLY B 153 16.56 -14.37 5.59
N LYS B 154 15.84 -13.32 5.14
CA LYS B 154 16.08 -12.66 3.83
C LYS B 154 17.10 -11.52 3.97
N GLY B 155 17.20 -10.91 5.16
CA GLY B 155 18.18 -9.83 5.41
C GLY B 155 17.69 -8.74 6.33
N TRP B 156 16.44 -8.77 6.84
CA TRP B 156 15.91 -7.70 7.73
C TRP B 156 16.55 -7.80 9.11
N GLU B 157 16.99 -8.99 9.52
CA GLU B 157 17.49 -9.24 10.90
C GLU B 157 18.71 -8.35 11.21
N ALA B 158 19.63 -8.15 10.27
CA ALA B 158 20.82 -7.28 10.47
C ALA B 158 20.35 -5.83 10.72
N VAL B 159 19.34 -5.36 9.96
CA VAL B 159 18.84 -3.97 10.00
C VAL B 159 18.13 -3.70 11.34
N THR B 160 17.30 -4.62 11.83
CA THR B 160 16.54 -4.43 13.11
C THR B 160 17.48 -4.68 14.30
N GLU B 161 18.53 -5.51 14.14
CA GLU B 161 19.60 -5.70 15.16
C GLU B 161 20.39 -4.40 15.34
N CYS B 162 20.69 -3.68 14.26
CA CYS B 162 21.42 -2.38 14.27
C CYS B 162 20.61 -1.33 15.04
N ALA B 163 19.30 -1.23 14.76
CA ALA B 163 18.35 -0.30 15.44
C ALA B 163 18.38 -0.55 16.94
N ILE B 164 18.24 -1.82 17.34
CA ILE B 164 18.17 -2.25 18.76
C ILE B 164 19.49 -1.92 19.48
N ARG B 165 20.64 -2.17 18.86
CA ARG B 165 21.95 -1.91 19.52
C ARG B 165 22.18 -0.40 19.60
N ALA B 166 21.69 0.36 18.63
CA ALA B 166 21.82 1.84 18.58
C ALA B 166 21.03 2.42 19.76
N LEU B 167 19.85 1.88 20.01
CA LEU B 167 18.97 2.27 21.13
C LEU B 167 19.69 2.01 22.46
N ALA B 168 20.27 0.81 22.59
CA ALA B 168 20.99 0.32 23.79
C ALA B 168 22.13 1.27 24.15
N ALA B 169 22.76 1.89 23.14
CA ALA B 169 24.03 2.64 23.25
C ALA B 169 23.79 4.11 23.64
N ARG B 170 22.55 4.61 23.53
CA ARG B 170 22.15 5.92 24.11
C ARG B 170 22.31 5.86 25.64
N ALA B 171 22.51 7.00 26.30
CA ALA B 171 22.57 7.15 27.78
C ALA B 171 21.17 7.02 28.38
N ALA B 172 20.14 7.53 27.67
CA ALA B 172 18.72 7.51 28.08
C ALA B 172 18.33 6.10 28.54
N PRO B 173 17.45 5.98 29.56
CA PRO B 173 16.95 4.67 29.96
C PRO B 173 16.23 4.01 28.77
N LEU B 174 16.05 2.69 28.82
CA LEU B 174 15.30 1.91 27.81
C LEU B 174 14.63 0.74 28.50
N VAL B 175 13.31 0.60 28.38
CA VAL B 175 12.60 -0.65 28.76
C VAL B 175 12.27 -1.41 27.47
N ALA B 176 12.62 -2.70 27.43
CA ALA B 176 12.40 -3.61 26.28
C ALA B 176 11.32 -4.60 26.68
N ILE B 177 10.21 -4.63 25.95
CA ILE B 177 9.13 -5.64 26.08
C ILE B 177 9.39 -6.71 25.01
N LEU B 178 9.78 -7.92 25.44
CA LEU B 178 10.16 -9.06 24.57
C LEU B 178 9.07 -10.14 24.62
N TRP B 179 8.22 -10.16 23.59
CA TRP B 179 7.09 -11.12 23.44
C TRP B 179 7.52 -12.26 22.51
N GLY B 180 7.87 -13.42 23.11
CA GLY B 180 8.26 -14.66 22.40
C GLY B 180 9.66 -15.11 22.81
N ARG B 181 9.87 -16.44 22.89
CA ARG B 181 11.19 -17.08 23.14
C ARG B 181 12.22 -16.48 22.15
N ASP B 182 11.79 -16.21 20.92
CA ASP B 182 12.61 -15.64 19.82
C ASP B 182 13.02 -14.21 20.19
N ALA B 183 12.13 -13.45 20.84
CA ALA B 183 12.36 -12.06 21.29
C ALA B 183 13.43 -12.05 22.39
N SER B 184 13.34 -12.96 23.36
CA SER B 184 14.22 -12.97 24.57
C SER B 184 15.69 -13.37 24.23
N THR B 185 16.01 -13.70 22.96
CA THR B 185 17.40 -13.92 22.46
C THR B 185 18.08 -12.58 22.08
N LEU B 186 17.40 -11.45 22.32
CA LEU B 186 17.98 -10.09 22.18
C LEU B 186 18.49 -9.59 23.54
N LYS B 187 18.48 -10.44 24.57
CA LYS B 187 18.85 -10.12 25.98
C LYS B 187 20.35 -9.83 26.13
N PRO B 188 21.27 -10.35 25.28
CA PRO B 188 22.67 -9.88 25.29
C PRO B 188 22.84 -8.44 24.79
N MET B 189 22.06 -8.03 23.79
CA MET B 189 22.08 -6.68 23.20
C MET B 189 21.52 -5.63 24.19
N LEU B 190 20.87 -6.03 25.29
CA LEU B 190 20.29 -5.14 26.32
C LEU B 190 20.91 -5.43 27.70
N ALA B 191 22.12 -6.00 27.74
CA ALA B 191 22.79 -6.41 28.99
C ALA B 191 23.20 -5.18 29.80
N ALA B 192 23.65 -4.11 29.12
CA ALA B 192 24.04 -2.82 29.72
C ALA B 192 22.96 -2.38 30.72
N GLY B 193 23.36 -1.79 31.85
CA GLY B 193 22.56 -1.61 33.08
C GLY B 193 21.42 -0.61 32.94
N ASN B 194 21.46 0.26 31.91
CA ASN B 194 20.43 1.31 31.60
C ASN B 194 19.30 0.72 30.73
N CYS B 195 19.39 -0.55 30.32
CA CYS B 195 18.33 -1.33 29.61
C CYS B 195 17.78 -2.41 30.55
N VAL B 196 16.46 -2.41 30.78
CA VAL B 196 15.75 -3.51 31.51
C VAL B 196 14.76 -4.14 30.53
N ALA B 197 14.61 -5.46 30.58
CA ALA B 197 13.76 -6.26 29.65
C ALA B 197 12.62 -6.95 30.41
N ILE B 198 11.37 -6.68 30.02
CA ILE B 198 10.18 -7.48 30.44
C ILE B 198 10.09 -8.64 29.46
N GLU B 199 10.24 -9.86 29.96
CA GLU B 199 10.14 -11.10 29.15
C GLU B 199 8.76 -11.72 29.40
N SER B 200 8.14 -12.25 28.34
N SER B 200 8.16 -12.27 28.34
CA SER B 200 6.91 -13.08 28.42
CA SER B 200 6.89 -13.05 28.40
C SER B 200 6.67 -13.74 27.07
C SER B 200 6.67 -13.74 27.06
N PRO B 201 5.95 -14.89 27.03
CA PRO B 201 5.47 -15.46 25.77
C PRO B 201 4.58 -14.49 24.97
N HIS B 202 4.53 -14.70 23.66
CA HIS B 202 3.91 -13.82 22.62
C HIS B 202 2.39 -13.80 22.80
N PRO B 203 1.70 -12.65 22.55
CA PRO B 203 0.24 -12.57 22.71
C PRO B 203 -0.59 -13.37 21.69
N SER B 204 0.05 -14.03 20.72
CA SER B 204 -0.55 -14.98 19.75
C SER B 204 -1.43 -15.99 20.48
N PRO B 205 -2.64 -16.32 19.98
CA PRO B 205 -3.51 -17.31 20.61
C PRO B 205 -2.81 -18.59 21.09
N LEU B 206 -1.89 -19.14 20.30
CA LEU B 206 -1.16 -20.42 20.58
C LEU B 206 -0.31 -20.31 21.85
N SER B 207 0.25 -19.13 22.13
CA SER B 207 1.25 -18.91 23.21
C SER B 207 0.71 -18.02 24.34
N ALA B 208 -0.37 -17.24 24.10
CA ALA B 208 -0.90 -16.21 25.03
C ALA B 208 -1.22 -16.79 26.42
N SER B 209 -1.74 -18.01 26.49
CA SER B 209 -2.24 -18.64 27.74
C SER B 209 -1.07 -19.19 28.57
N ARG B 210 0.16 -19.15 28.06
CA ARG B 210 1.39 -19.68 28.72
C ARG B 210 2.01 -18.63 29.66
N GLY B 211 1.35 -17.47 29.88
CA GLY B 211 1.85 -16.45 30.81
C GLY B 211 1.85 -15.02 30.26
N PHE B 212 1.43 -14.80 29.00
CA PHE B 212 1.25 -13.43 28.44
C PHE B 212 0.12 -12.71 29.20
N PHE B 213 -1.08 -13.27 29.20
CA PHE B 213 -2.17 -12.89 30.13
C PHE B 213 -1.60 -12.93 31.56
N GLY B 214 -1.77 -11.83 32.31
CA GLY B 214 -1.23 -11.67 33.67
C GLY B 214 0.13 -10.99 33.73
N SER B 215 0.80 -10.76 32.59
CA SER B 215 2.22 -10.32 32.54
C SER B 215 2.35 -8.80 32.79
N ARG B 216 1.25 -8.04 32.68
CA ARG B 216 1.15 -6.62 33.10
C ARG B 216 2.32 -5.80 32.58
N PRO B 217 2.64 -5.84 31.28
CA PRO B 217 3.84 -5.18 30.75
C PRO B 217 3.77 -3.64 30.76
N PHE B 218 2.56 -3.09 30.73
CA PHE B 218 2.31 -1.64 30.54
C PHE B 218 2.61 -0.91 31.85
N SER B 219 2.08 -1.39 32.97
CA SER B 219 2.36 -0.79 34.31
C SER B 219 3.82 -1.10 34.70
N ARG B 220 4.29 -2.30 34.42
CA ARG B 220 5.67 -2.73 34.77
C ARG B 220 6.69 -1.88 34.00
N ALA B 221 6.51 -1.71 32.69
CA ALA B 221 7.38 -0.85 31.84
C ALA B 221 7.48 0.55 32.48
N ASN B 222 6.33 1.15 32.79
CA ASN B 222 6.20 2.52 33.36
C ASN B 222 6.87 2.62 34.73
N GLU B 223 6.83 1.55 35.54
CA GLU B 223 7.45 1.52 36.89
C GLU B 223 8.97 1.49 36.75
N LEU B 224 9.49 0.75 35.76
CA LEU B 224 10.94 0.65 35.51
C LEU B 224 11.45 1.97 34.91
N LEU B 225 10.68 2.61 34.04
CA LEU B 225 11.03 3.95 33.46
C LEU B 225 11.22 4.97 34.59
N VAL B 226 10.29 5.01 35.54
CA VAL B 226 10.28 5.98 36.69
C VAL B 226 11.42 5.64 37.66
N GLY B 227 11.63 4.35 37.95
CA GLY B 227 12.76 3.83 38.74
C GLY B 227 14.11 4.23 38.15
N MET B 228 14.16 4.42 36.82
CA MET B 228 15.35 4.83 36.04
C MET B 228 15.38 6.36 35.81
N GLY B 229 14.47 7.12 36.40
CA GLY B 229 14.40 8.59 36.24
C GLY B 229 13.74 9.07 34.94
N ALA B 230 13.19 8.15 34.14
CA ALA B 230 12.49 8.45 32.87
C ALA B 230 11.03 8.82 33.15
N GLU B 231 10.42 9.58 32.24
CA GLU B 231 8.98 9.89 32.25
C GLU B 231 8.25 8.64 31.75
N PRO B 232 7.12 8.24 32.40
CA PRO B 232 6.38 7.05 31.97
C PRO B 232 5.57 7.30 30.69
N ILE B 233 5.08 6.21 30.09
CA ILE B 233 4.26 6.24 28.84
C ILE B 233 2.78 6.36 29.21
N ASP B 234 2.08 7.36 28.69
CA ASP B 234 0.60 7.36 28.63
C ASP B 234 0.20 6.33 27.56
N TRP B 235 -0.26 5.17 28.02
CA TRP B 235 -0.67 4.01 27.18
C TRP B 235 -2.10 4.17 26.63
N ARG B 236 -2.92 5.08 27.18
CA ARG B 236 -4.36 5.21 26.84
C ARG B 236 -4.54 5.38 25.32
N LEU B 237 -5.42 4.56 24.73
CA LEU B 237 -5.89 4.69 23.33
C LEU B 237 -7.36 5.14 23.30
N PRO B 238 -7.71 6.21 22.55
CA PRO B 238 -9.11 6.60 22.38
C PRO B 238 -10.00 5.51 21.74
#